data_5WWZ
#
_entry.id   5WWZ
#
_cell.length_a   83.321
_cell.length_b   83.321
_cell.length_c   78.959
_cell.angle_alpha   90.000
_cell.angle_beta   90.000
_cell.angle_gamma   90.000
#
_symmetry.space_group_name_H-M   'P 42 21 2'
#
loop_
_entity.id
_entity.type
_entity.pdbx_description
1 polymer 'RNA-binding E3 ubiquitin-protein ligase MEX3C'
2 non-polymer 'SULFATE ION'
3 water water
#
_entity_poly.entity_id   1
_entity_poly.type   'polypeptide(L)'
_entity_poly.pdbx_seq_one_letter_code
;MGHHHHHHMSPNLPGQTTVQVRVPYRVVGLVVGPKGATIKRIQQQTHTYIVTPSRDKEPVFEVTGMPENVDRAREEIEMH
IAMRTG
;
_entity_poly.pdbx_strand_id   B,A,C
#
loop_
_chem_comp.id
_chem_comp.type
_chem_comp.name
_chem_comp.formula
SO4 non-polymer 'SULFATE ION' 'O4 S -2'
#
# COMPACT_ATOMS: atom_id res chain seq x y z
N HIS A 4 -30.29 -10.06 2.01
CA HIS A 4 -30.29 -10.34 3.43
C HIS A 4 -31.29 -9.44 4.14
N HIS A 5 -32.01 -10.02 5.11
CA HIS A 5 -33.07 -9.30 5.82
C HIS A 5 -32.53 -8.23 6.75
N HIS A 6 -31.22 -8.20 7.02
CA HIS A 6 -30.63 -7.25 7.96
C HIS A 6 -29.63 -6.33 7.27
N HIS A 7 -29.70 -6.19 5.96
CA HIS A 7 -28.82 -5.31 5.20
C HIS A 7 -29.64 -4.55 4.17
N HIS A 8 -29.06 -3.48 3.64
CA HIS A 8 -29.76 -2.65 2.67
C HIS A 8 -28.75 -2.06 1.69
N MET A 9 -29.27 -1.70 0.51
CA MET A 9 -28.46 -1.10 -0.55
C MET A 9 -28.45 0.41 -0.40
N SER A 10 -27.25 1.00 -0.38
CA SER A 10 -27.08 2.44 -0.27
C SER A 10 -26.25 2.96 -1.45
N PRO A 11 -26.59 4.13 -1.98
CA PRO A 11 -25.77 4.70 -3.06
C PRO A 11 -24.41 5.12 -2.55
N ASN A 12 -23.40 4.93 -3.39
CA ASN A 12 -22.03 5.28 -3.04
C ASN A 12 -21.86 6.79 -2.97
N LEU A 13 -20.81 7.21 -2.25
CA LEU A 13 -20.44 8.61 -2.23
C LEU A 13 -20.01 9.04 -3.63
N PRO A 14 -20.11 10.33 -3.96
CA PRO A 14 -19.75 10.78 -5.30
C PRO A 14 -18.31 10.44 -5.65
N GLY A 15 -18.13 9.80 -6.81
CA GLY A 15 -16.83 9.40 -7.27
C GLY A 15 -16.38 8.01 -6.87
N GLN A 16 -17.12 7.33 -6.00
CA GLN A 16 -16.76 6.01 -5.52
C GLN A 16 -17.50 4.93 -6.29
N THR A 17 -16.81 3.82 -6.53
CA THR A 17 -17.34 2.66 -7.23
C THR A 17 -17.24 1.42 -6.35
N THR A 18 -18.00 0.40 -6.72
CA THR A 18 -18.01 -0.88 -6.02
C THR A 18 -17.69 -2.00 -7.00
N VAL A 19 -16.65 -2.77 -6.69
CA VAL A 19 -16.23 -3.88 -7.54
C VAL A 19 -16.26 -5.16 -6.71
N GLN A 20 -16.22 -6.29 -7.42
CA GLN A 20 -16.22 -7.61 -6.81
C GLN A 20 -14.83 -8.20 -6.87
N VAL A 21 -14.35 -8.72 -5.74
CA VAL A 21 -13.03 -9.33 -5.63
C VAL A 21 -13.24 -10.78 -5.20
N ARG A 22 -13.07 -11.71 -6.13
CA ARG A 22 -13.26 -13.13 -5.86
C ARG A 22 -11.96 -13.77 -5.37
N VAL A 23 -12.08 -14.59 -4.34
CA VAL A 23 -10.94 -15.34 -3.82
C VAL A 23 -11.34 -16.81 -3.75
N PRO A 24 -10.37 -17.72 -3.68
CA PRO A 24 -10.70 -19.12 -3.39
C PRO A 24 -11.41 -19.23 -2.06
N TYR A 25 -12.33 -20.20 -1.97
CA TYR A 25 -13.17 -20.32 -0.78
C TYR A 25 -12.35 -20.59 0.47
N ARG A 26 -11.20 -21.25 0.33
CA ARG A 26 -10.37 -21.59 1.49
C ARG A 26 -9.69 -20.38 2.10
N VAL A 27 -9.54 -19.28 1.37
CA VAL A 27 -8.73 -18.16 1.86
C VAL A 27 -9.58 -17.00 2.35
N VAL A 28 -10.91 -17.15 2.40
CA VAL A 28 -11.75 -16.09 2.94
C VAL A 28 -11.38 -15.81 4.39
N GLY A 29 -11.07 -16.87 5.15
CA GLY A 29 -10.66 -16.70 6.53
C GLY A 29 -9.33 -15.99 6.67
N LEU A 30 -8.43 -16.20 5.70
CA LEU A 30 -7.13 -15.54 5.76
C LEU A 30 -7.27 -14.04 5.49
N VAL A 31 -8.19 -13.67 4.59
CA VAL A 31 -8.41 -12.26 4.29
C VAL A 31 -9.11 -11.57 5.45
N VAL A 32 -10.05 -12.27 6.09
CA VAL A 32 -10.75 -11.70 7.25
C VAL A 32 -9.80 -11.64 8.45
N GLY A 33 -9.14 -12.76 8.76
CA GLY A 33 -8.22 -12.81 9.86
C GLY A 33 -8.90 -13.04 11.19
N PRO A 34 -8.11 -13.11 12.26
CA PRO A 34 -8.67 -13.33 13.60
C PRO A 34 -9.51 -12.14 14.04
N LYS A 35 -10.80 -12.40 14.29
CA LYS A 35 -11.76 -11.38 14.71
C LYS A 35 -11.88 -10.24 13.71
N GLY A 36 -11.61 -10.52 12.43
CA GLY A 36 -11.74 -9.50 11.41
C GLY A 36 -10.66 -8.44 11.40
N ALA A 37 -9.53 -8.70 12.05
CA ALA A 37 -8.48 -7.68 12.14
C ALA A 37 -7.82 -7.43 10.79
N THR A 38 -7.66 -8.46 9.97
CA THR A 38 -6.99 -8.30 8.69
C THR A 38 -7.85 -7.50 7.71
N ILE A 39 -9.13 -7.85 7.59
CA ILE A 39 -10.00 -7.13 6.67
C ILE A 39 -10.25 -5.71 7.16
N LYS A 40 -10.22 -5.49 8.47
CA LYS A 40 -10.35 -4.15 9.01
C LYS A 40 -9.12 -3.31 8.70
N ARG A 41 -7.94 -3.93 8.69
CA ARG A 41 -6.71 -3.22 8.37
C ARG A 41 -6.67 -2.82 6.90
N ILE A 42 -7.21 -3.67 6.02
CA ILE A 42 -7.24 -3.35 4.60
C ILE A 42 -8.15 -2.15 4.33
N GLN A 43 -9.29 -2.08 5.01
CA GLN A 43 -10.21 -0.96 4.82
C GLN A 43 -9.60 0.36 5.31
N GLN A 44 -8.91 0.33 6.45
CA GLN A 44 -8.32 1.55 6.99
C GLN A 44 -7.15 2.04 6.14
N GLN A 45 -6.31 1.11 5.68
CA GLN A 45 -5.11 1.51 4.94
C GLN A 45 -5.46 1.97 3.52
N THR A 46 -6.49 1.40 2.91
CA THR A 46 -6.87 1.73 1.54
C THR A 46 -8.05 2.68 1.45
N HIS A 47 -8.61 3.09 2.59
CA HIS A 47 -9.76 4.02 2.62
C HIS A 47 -10.93 3.48 1.80
N THR A 48 -11.26 2.21 2.04
CA THR A 48 -12.34 1.54 1.33
C THR A 48 -13.33 0.95 2.32
N TYR A 49 -14.53 0.67 1.81
CA TYR A 49 -15.58 -0.02 2.55
C TYR A 49 -15.76 -1.40 1.94
N ILE A 50 -15.49 -2.45 2.73
CA ILE A 50 -15.47 -3.82 2.25
C ILE A 50 -16.49 -4.64 3.01
N VAL A 51 -17.36 -5.34 2.26
CA VAL A 51 -18.33 -6.26 2.83
C VAL A 51 -17.78 -7.67 2.71
N THR A 52 -17.72 -8.38 3.83
CA THR A 52 -17.23 -9.76 3.85
C THR A 52 -18.34 -10.73 3.45
N PRO A 53 -18.06 -11.68 2.57
CA PRO A 53 -19.09 -12.66 2.19
C PRO A 53 -19.51 -13.54 3.35
N SER A 54 -20.73 -14.09 3.22
CA SER A 54 -21.32 -14.90 4.27
C SER A 54 -20.58 -16.23 4.41
N ARG A 55 -21.09 -17.08 5.31
CA ARG A 55 -20.39 -18.31 5.68
C ARG A 55 -20.26 -19.26 4.50
N ASP A 56 -21.38 -19.58 3.85
CA ASP A 56 -21.40 -20.57 2.77
C ASP A 56 -21.86 -19.96 1.46
N LYS A 57 -21.64 -18.66 1.28
CA LYS A 57 -21.97 -17.96 0.06
C LYS A 57 -20.74 -17.83 -0.83
N GLU A 58 -20.90 -17.13 -1.95
CA GLU A 58 -19.81 -16.96 -2.90
C GLU A 58 -18.63 -16.26 -2.22
N PRO A 59 -17.41 -16.77 -2.37
CA PRO A 59 -16.24 -16.12 -1.72
C PRO A 59 -15.85 -14.85 -2.46
N VAL A 60 -16.73 -13.85 -2.40
CA VAL A 60 -16.57 -12.59 -3.11
C VAL A 60 -16.64 -11.45 -2.12
N PHE A 61 -15.61 -10.61 -2.11
CA PHE A 61 -15.59 -9.39 -1.32
C PHE A 61 -16.07 -8.22 -2.17
N GLU A 62 -16.88 -7.35 -1.57
CA GLU A 62 -17.40 -6.16 -2.23
C GLU A 62 -16.62 -4.95 -1.70
N VAL A 63 -15.83 -4.33 -2.57
CA VAL A 63 -14.96 -3.23 -2.19
C VAL A 63 -15.55 -1.94 -2.76
N THR A 64 -15.72 -0.94 -1.90
CA THR A 64 -16.30 0.34 -2.29
C THR A 64 -15.35 1.48 -1.94
N GLY A 65 -15.19 2.41 -2.87
CA GLY A 65 -14.32 3.55 -2.66
C GLY A 65 -13.92 4.15 -3.99
N MET A 66 -12.97 5.08 -3.92
CA MET A 66 -12.42 5.67 -5.13
C MET A 66 -11.78 4.58 -5.99
N PRO A 67 -11.82 4.73 -7.32
CA PRO A 67 -11.27 3.66 -8.18
C PRO A 67 -9.81 3.33 -7.89
N GLU A 68 -8.97 4.34 -7.64
CA GLU A 68 -7.58 4.05 -7.30
C GLU A 68 -7.46 3.36 -5.95
N ASN A 69 -8.31 3.75 -4.99
CA ASN A 69 -8.29 3.11 -3.68
C ASN A 69 -8.87 1.71 -3.74
N VAL A 70 -9.86 1.50 -4.60
CA VAL A 70 -10.46 0.18 -4.73
C VAL A 70 -9.48 -0.81 -5.35
N ASP A 71 -8.69 -0.35 -6.32
CA ASP A 71 -7.65 -1.21 -6.90
C ASP A 71 -6.59 -1.56 -5.87
N ARG A 72 -6.24 -0.62 -4.98
CA ARG A 72 -5.28 -0.91 -3.93
C ARG A 72 -5.82 -1.97 -2.96
N ALA A 73 -7.11 -1.90 -2.64
CA ALA A 73 -7.71 -2.89 -1.75
C ALA A 73 -7.78 -4.26 -2.40
N ARG A 74 -8.02 -4.31 -3.72
CA ARG A 74 -8.06 -5.58 -4.43
C ARG A 74 -6.74 -6.32 -4.35
N GLU A 75 -5.61 -5.60 -4.47
CA GLU A 75 -4.31 -6.25 -4.42
C GLU A 75 -4.03 -6.83 -3.04
N GLU A 76 -4.35 -6.09 -1.98
CA GLU A 76 -4.12 -6.60 -0.63
C GLU A 76 -4.93 -7.86 -0.38
N ILE A 77 -6.15 -7.92 -0.94
CA ILE A 77 -6.97 -9.12 -0.80
C ILE A 77 -6.35 -10.27 -1.58
N GLU A 78 -5.97 -10.03 -2.84
CA GLU A 78 -5.40 -11.09 -3.68
C GLU A 78 -4.02 -11.52 -3.21
N MET A 79 -3.31 -10.70 -2.45
CA MET A 79 -2.02 -11.12 -1.92
C MET A 79 -2.17 -12.17 -0.84
N HIS A 80 -3.34 -12.24 -0.20
CA HIS A 80 -3.65 -13.28 0.77
C HIS A 80 -4.09 -14.57 0.08
N ILE A 81 -3.50 -14.87 -1.06
CA ILE A 81 -3.81 -16.09 -1.81
C ILE A 81 -2.52 -16.82 -2.12
N ALA A 82 -2.39 -18.03 -1.62
CA ALA A 82 -1.21 -18.84 -1.87
C ALA A 82 -1.23 -19.42 -3.28
N MET A 83 -0.03 -19.60 -3.84
CA MET A 83 0.11 -20.12 -5.19
C MET A 83 -0.06 -21.63 -5.22
N HIS B 4 10.48 10.37 -3.95
CA HIS B 4 9.79 10.71 -5.19
C HIS B 4 8.52 11.50 -4.88
N HIS B 5 8.25 12.52 -5.69
CA HIS B 5 7.10 13.38 -5.44
C HIS B 5 5.76 12.70 -5.69
N HIS B 6 5.75 11.56 -6.38
CA HIS B 6 4.51 10.87 -6.72
C HIS B 6 4.45 9.47 -6.13
N HIS B 7 5.25 9.18 -5.12
CA HIS B 7 5.23 7.88 -4.46
C HIS B 7 5.36 8.07 -2.96
N HIS B 8 4.99 7.03 -2.22
CA HIS B 8 5.04 7.07 -0.76
C HIS B 8 5.32 5.68 -0.23
N MET B 9 5.86 5.62 0.98
CA MET B 9 6.16 4.37 1.66
C MET B 9 4.95 3.91 2.45
N SER B 10 4.55 2.65 2.26
CA SER B 10 3.42 2.11 2.99
C SER B 10 3.82 0.87 3.77
N PRO B 11 3.35 0.71 5.00
CA PRO B 11 3.69 -0.50 5.77
C PRO B 11 3.02 -1.72 5.18
N ASN B 12 3.74 -2.84 5.20
CA ASN B 12 3.16 -4.09 4.71
C ASN B 12 2.14 -4.62 5.70
N LEU B 13 1.21 -5.41 5.18
CA LEU B 13 0.27 -6.12 6.03
C LEU B 13 1.00 -7.20 6.82
N PRO B 14 0.47 -7.59 7.99
CA PRO B 14 1.10 -8.66 8.76
C PRO B 14 1.22 -9.93 7.95
N GLY B 15 2.41 -10.51 7.94
CA GLY B 15 2.69 -11.69 7.15
C GLY B 15 3.27 -11.41 5.77
N GLN B 16 3.33 -10.14 5.36
CA GLN B 16 3.88 -9.77 4.07
C GLN B 16 5.32 -9.29 4.24
N THR B 17 6.18 -9.65 3.29
CA THR B 17 7.57 -9.24 3.30
C THR B 17 7.91 -8.55 1.98
N THR B 18 9.00 -7.79 1.99
CA THR B 18 9.49 -7.10 0.80
C THR B 18 10.95 -7.46 0.59
N VAL B 19 11.27 -8.00 -0.60
CA VAL B 19 12.63 -8.36 -0.94
C VAL B 19 13.02 -7.64 -2.22
N GLN B 20 14.33 -7.57 -2.46
CA GLN B 20 14.88 -6.95 -3.65
C GLN B 20 15.40 -8.05 -4.59
N VAL B 21 15.02 -7.97 -5.86
CA VAL B 21 15.43 -8.94 -6.87
C VAL B 21 16.19 -8.18 -7.95
N ARG B 22 17.52 -8.28 -7.93
CA ARG B 22 18.36 -7.58 -8.88
C ARG B 22 18.65 -8.46 -10.10
N VAL B 23 18.58 -7.84 -11.27
CA VAL B 23 18.93 -8.51 -12.53
C VAL B 23 19.95 -7.65 -13.25
N PRO B 24 20.70 -8.23 -14.20
CA PRO B 24 21.54 -7.39 -15.06
C PRO B 24 20.70 -6.36 -15.81
N TYR B 25 21.30 -5.18 -16.02
CA TYR B 25 20.56 -4.07 -16.60
C TYR B 25 20.10 -4.37 -18.03
N ARG B 26 20.83 -5.22 -18.74
CA ARG B 26 20.49 -5.50 -20.13
C ARG B 26 19.19 -6.30 -20.27
N VAL B 27 18.79 -7.01 -19.22
CA VAL B 27 17.66 -7.93 -19.30
C VAL B 27 16.43 -7.40 -18.58
N VAL B 28 16.47 -6.15 -18.09
CA VAL B 28 15.31 -5.58 -17.40
C VAL B 28 14.09 -5.60 -18.30
N GLY B 29 14.28 -5.39 -19.60
CA GLY B 29 13.16 -5.43 -20.52
C GLY B 29 12.52 -6.80 -20.66
N LEU B 30 13.31 -7.86 -20.48
CA LEU B 30 12.76 -9.20 -20.58
C LEU B 30 11.82 -9.52 -19.43
N VAL B 31 12.14 -9.07 -18.23
CA VAL B 31 11.26 -9.31 -17.09
C VAL B 31 10.00 -8.45 -17.20
N VAL B 32 10.14 -7.22 -17.69
CA VAL B 32 8.99 -6.34 -17.86
C VAL B 32 8.14 -6.83 -19.02
N GLY B 33 8.75 -7.10 -20.16
CA GLY B 33 8.03 -7.57 -21.33
C GLY B 33 7.42 -6.43 -22.11
N PRO B 34 6.73 -6.76 -23.21
CA PRO B 34 6.11 -5.72 -24.04
C PRO B 34 5.00 -5.02 -23.27
N LYS B 35 5.16 -3.71 -23.06
CA LYS B 35 4.19 -2.88 -22.34
C LYS B 35 3.94 -3.40 -20.93
N GLY B 36 4.93 -4.06 -20.34
CA GLY B 36 4.80 -4.59 -18.99
C GLY B 36 3.94 -5.81 -18.86
N ALA B 37 3.69 -6.53 -19.96
CA ALA B 37 2.79 -7.68 -19.90
C ALA B 37 3.41 -8.84 -19.14
N THR B 38 4.74 -9.02 -19.24
CA THR B 38 5.37 -10.15 -18.57
C THR B 38 5.40 -9.97 -17.05
N ILE B 39 5.82 -8.79 -16.59
CA ILE B 39 5.90 -8.56 -15.16
C ILE B 39 4.50 -8.48 -14.54
N LYS B 40 3.50 -8.04 -15.32
CA LYS B 40 2.14 -8.01 -14.81
C LYS B 40 1.60 -9.43 -14.62
N ARG B 41 1.98 -10.35 -15.51
CA ARG B 41 1.54 -11.73 -15.35
C ARG B 41 2.23 -12.40 -14.17
N ILE B 42 3.49 -12.05 -13.89
CA ILE B 42 4.19 -12.60 -12.74
C ILE B 42 3.51 -12.18 -11.43
N GLN B 43 3.04 -10.92 -11.37
CA GLN B 43 2.35 -10.47 -10.17
C GLN B 43 1.04 -11.21 -9.97
N GLN B 44 0.30 -11.45 -11.06
CA GLN B 44 -0.98 -12.15 -10.96
C GLN B 44 -0.78 -13.62 -10.62
N GLN B 45 0.22 -14.26 -11.23
CA GLN B 45 0.41 -15.70 -11.02
C GLN B 45 0.93 -16.00 -9.63
N THR B 46 1.73 -15.11 -9.04
CA THR B 46 2.29 -15.32 -7.72
C THR B 46 1.57 -14.52 -6.64
N HIS B 47 0.56 -13.74 -6.99
CA HIS B 47 -0.22 -12.96 -6.03
C HIS B 47 0.69 -12.04 -5.20
N THR B 48 1.57 -11.32 -5.88
CA THR B 48 2.52 -10.43 -5.25
C THR B 48 2.38 -9.03 -5.82
N TYR B 49 2.93 -8.07 -5.09
CA TYR B 49 3.00 -6.68 -5.52
C TYR B 49 4.45 -6.37 -5.87
N ILE B 50 4.70 -6.08 -7.15
CA ILE B 50 6.06 -5.90 -7.66
C ILE B 50 6.17 -4.50 -8.24
N VAL B 51 7.18 -3.75 -7.79
CA VAL B 51 7.49 -2.44 -8.33
C VAL B 51 8.61 -2.60 -9.35
N THR B 52 8.35 -2.14 -10.57
CA THR B 52 9.36 -2.19 -11.62
C THR B 52 10.30 -0.99 -11.49
N PRO B 53 11.61 -1.18 -11.56
CA PRO B 53 12.53 -0.04 -11.49
C PRO B 53 12.35 0.87 -12.69
N SER B 54 12.75 2.13 -12.51
CA SER B 54 12.58 3.13 -13.55
C SER B 54 13.49 2.84 -14.74
N ARG B 55 13.46 3.74 -15.72
CA ARG B 55 14.14 3.50 -16.98
C ARG B 55 15.66 3.36 -16.79
N ASP B 56 16.28 4.33 -16.12
CA ASP B 56 17.73 4.36 -15.98
C ASP B 56 18.17 4.28 -14.52
N LYS B 57 17.37 3.64 -13.67
CA LYS B 57 17.74 3.45 -12.28
C LYS B 57 18.35 2.06 -12.11
N GLU B 58 18.72 1.73 -10.86
CA GLU B 58 19.32 0.44 -10.58
C GLU B 58 18.33 -0.68 -10.90
N PRO B 59 18.76 -1.74 -11.58
CA PRO B 59 17.84 -2.80 -11.99
C PRO B 59 17.40 -3.71 -10.85
N VAL B 60 16.61 -3.17 -9.93
CA VAL B 60 16.18 -3.91 -8.75
C VAL B 60 14.65 -3.91 -8.71
N PHE B 61 14.07 -5.10 -8.66
CA PHE B 61 12.63 -5.26 -8.46
C PHE B 61 12.33 -5.45 -6.98
N GLU B 62 11.30 -4.77 -6.49
CA GLU B 62 10.84 -4.92 -5.11
C GLU B 62 9.54 -5.70 -5.11
N VAL B 63 9.58 -6.91 -4.55
CA VAL B 63 8.45 -7.83 -4.54
C VAL B 63 7.89 -7.87 -3.12
N THR B 64 6.58 -7.65 -3.01
CA THR B 64 5.89 -7.63 -1.73
C THR B 64 4.75 -8.65 -1.76
N GLY B 65 4.62 -9.39 -0.68
CA GLY B 65 3.58 -10.41 -0.60
C GLY B 65 3.92 -11.44 0.46
N MET B 66 3.15 -12.52 0.45
CA MET B 66 3.43 -13.63 1.35
C MET B 66 4.82 -14.19 1.08
N PRO B 67 5.52 -14.66 2.11
CA PRO B 67 6.89 -15.16 1.91
C PRO B 67 6.99 -16.28 0.90
N GLU B 68 6.05 -17.23 0.91
CA GLU B 68 6.08 -18.30 -0.08
C GLU B 68 5.81 -17.75 -1.47
N ASN B 69 4.94 -16.75 -1.57
CA ASN B 69 4.64 -16.16 -2.87
C ASN B 69 5.79 -15.28 -3.36
N VAL B 70 6.49 -14.60 -2.46
CA VAL B 70 7.59 -13.73 -2.85
C VAL B 70 8.75 -14.54 -3.38
N ASP B 71 9.06 -15.68 -2.75
CA ASP B 71 10.13 -16.54 -3.26
C ASP B 71 9.76 -17.10 -4.63
N ARG B 72 8.48 -17.43 -4.83
CA ARG B 72 8.03 -17.87 -6.15
C ARG B 72 8.17 -16.76 -7.17
N ALA B 73 7.86 -15.51 -6.77
CA ALA B 73 7.99 -14.39 -7.69
C ALA B 73 9.45 -14.10 -8.00
N ARG B 74 10.33 -14.25 -7.02
CA ARG B 74 11.77 -14.09 -7.28
C ARG B 74 12.25 -15.14 -8.27
N GLU B 75 11.75 -16.37 -8.13
CA GLU B 75 12.12 -17.44 -9.06
C GLU B 75 11.59 -17.16 -10.45
N GLU B 76 10.36 -16.66 -10.56
CA GLU B 76 9.79 -16.34 -11.87
C GLU B 76 10.60 -15.26 -12.58
N ILE B 77 11.10 -14.28 -11.83
CA ILE B 77 11.91 -13.22 -12.42
C ILE B 77 13.25 -13.79 -12.92
N GLU B 78 13.92 -14.56 -12.06
CA GLU B 78 15.23 -15.12 -12.42
C GLU B 78 15.14 -16.19 -13.49
N MET B 79 13.97 -16.80 -13.69
CA MET B 79 13.80 -17.79 -14.74
C MET B 79 13.74 -17.18 -16.13
N HIS B 80 13.36 -15.90 -16.24
CA HIS B 80 13.30 -15.27 -17.55
C HIS B 80 14.68 -14.85 -18.03
N ILE B 81 15.53 -14.38 -17.13
CA ILE B 81 16.90 -14.01 -17.49
C ILE B 81 17.78 -13.95 -16.24
N HIS C 4 13.52 -1.84 2.97
CA HIS C 4 12.97 -2.33 4.22
C HIS C 4 12.09 -3.55 3.95
N HIS C 5 12.23 -4.58 4.79
CA HIS C 5 11.48 -5.81 4.62
C HIS C 5 10.00 -5.67 5.00
N HIS C 6 9.62 -4.59 5.69
CA HIS C 6 8.25 -4.44 6.17
C HIS C 6 7.55 -3.23 5.57
N HIS C 7 8.09 -2.67 4.48
CA HIS C 7 7.47 -1.56 3.79
C HIS C 7 7.64 -1.73 2.29
N HIS C 8 6.85 -0.98 1.54
CA HIS C 8 6.91 -1.04 0.09
C HIS C 8 6.56 0.33 -0.48
N MET C 9 7.01 0.57 -1.71
CA MET C 9 6.75 1.83 -2.39
C MET C 9 5.46 1.72 -3.19
N SER C 10 4.55 2.67 -2.99
CA SER C 10 3.29 2.71 -3.70
C SER C 10 3.13 4.06 -4.40
N PRO C 11 2.58 4.07 -5.62
CA PRO C 11 2.35 5.35 -6.30
C PRO C 11 1.24 6.13 -5.60
N ASN C 12 1.40 7.45 -5.58
CA ASN C 12 0.40 8.31 -4.96
C ASN C 12 -0.87 8.35 -5.80
N LEU C 13 -1.96 8.75 -5.17
CA LEU C 13 -3.20 8.94 -5.90
C LEU C 13 -3.04 10.10 -6.89
N PRO C 14 -3.81 10.09 -7.98
CA PRO C 14 -3.69 11.17 -8.97
C PRO C 14 -3.99 12.52 -8.35
N GLY C 15 -3.08 13.47 -8.58
CA GLY C 15 -3.20 14.80 -8.04
C GLY C 15 -2.56 15.01 -6.69
N GLN C 16 -2.13 13.95 -6.02
CA GLN C 16 -1.48 14.05 -4.72
C GLN C 16 0.03 13.97 -4.88
N THR C 17 0.74 14.74 -4.06
CA THR C 17 2.19 14.79 -4.11
C THR C 17 2.76 14.40 -2.76
N THR C 18 4.05 14.08 -2.76
CA THR C 18 4.78 13.72 -1.55
C THR C 18 5.98 14.66 -1.43
N VAL C 19 6.05 15.36 -0.30
CA VAL C 19 7.14 16.30 -0.04
C VAL C 19 7.85 15.88 1.23
N GLN C 20 9.05 16.41 1.41
CA GLN C 20 9.87 16.13 2.58
C GLN C 20 9.82 17.34 3.51
N VAL C 21 9.56 17.08 4.79
CA VAL C 21 9.54 18.11 5.82
C VAL C 21 10.60 17.72 6.83
N ARG C 22 11.75 18.37 6.76
CA ARG C 22 12.86 18.06 7.64
C ARG C 22 12.81 18.94 8.89
N VAL C 23 13.06 18.31 10.04
CA VAL C 23 13.13 19.02 11.31
C VAL C 23 14.45 18.68 11.96
N PRO C 24 14.91 19.49 12.91
CA PRO C 24 16.09 19.10 13.70
C PRO C 24 15.86 17.76 14.38
N TYR C 25 16.93 16.98 14.49
CA TYR C 25 16.81 15.63 15.04
C TYR C 25 16.33 15.64 16.49
N ARG C 26 16.63 16.71 17.23
CA ARG C 26 16.27 16.80 18.63
C ARG C 26 14.77 16.92 18.85
N VAL C 27 14.02 17.37 17.86
CA VAL C 27 12.60 17.70 18.02
C VAL C 27 11.70 16.66 17.36
N VAL C 28 12.26 15.57 16.84
CA VAL C 28 11.43 14.54 16.20
C VAL C 28 10.38 14.02 17.17
N GLY C 29 10.73 13.88 18.45
CA GLY C 29 9.76 13.42 19.43
C GLY C 29 8.63 14.39 19.67
N LEU C 30 8.90 15.69 19.53
CA LEU C 30 7.86 16.69 19.75
C LEU C 30 6.82 16.67 18.64
N VAL C 31 7.26 16.44 17.39
CA VAL C 31 6.32 16.38 16.28
C VAL C 31 5.50 15.10 16.35
N VAL C 32 6.11 14.00 16.77
CA VAL C 32 5.39 12.74 16.90
C VAL C 32 4.41 12.81 18.06
N GLY C 33 4.87 13.28 19.22
CA GLY C 33 4.01 13.42 20.37
C GLY C 33 3.86 12.14 21.16
N PRO C 34 3.07 12.19 22.24
CA PRO C 34 2.85 10.99 23.08
C PRO C 34 2.12 9.90 22.32
N LYS C 35 2.80 8.76 22.14
CA LYS C 35 2.25 7.60 21.44
C LYS C 35 1.83 7.97 20.01
N GLY C 36 2.48 8.97 19.42
CA GLY C 36 2.15 9.38 18.08
C GLY C 36 0.87 10.17 17.97
N ALA C 37 0.36 10.70 19.08
CA ALA C 37 -0.91 11.41 19.06
C ALA C 37 -0.81 12.74 18.33
N THR C 38 0.34 13.41 18.43
CA THR C 38 0.48 14.72 17.81
C THR C 38 0.53 14.60 16.28
N ILE C 39 1.35 13.67 15.77
CA ILE C 39 1.45 13.52 14.33
C ILE C 39 0.17 12.92 13.75
N LYS C 40 -0.55 12.12 14.54
CA LYS C 40 -1.82 11.57 14.07
C LYS C 40 -2.88 12.66 13.96
N ARG C 41 -2.87 13.63 14.88
CA ARG C 41 -3.80 14.74 14.81
C ARG C 41 -3.49 15.65 13.64
N ILE C 42 -2.20 15.84 13.32
CA ILE C 42 -1.83 16.65 12.17
C ILE C 42 -2.33 15.99 10.88
N GLN C 43 -2.24 14.67 10.80
CA GLN C 43 -2.75 13.96 9.64
C GLN C 43 -4.26 14.09 9.52
N GLN C 44 -4.97 14.01 10.66
CA GLN C 44 -6.43 14.12 10.63
C GLN C 44 -6.87 15.55 10.32
N GLN C 45 -6.19 16.55 10.89
CA GLN C 45 -6.61 17.93 10.69
C GLN C 45 -6.29 18.43 9.29
N THR C 46 -5.21 17.95 8.69
CA THR C 46 -4.80 18.40 7.37
C THR C 46 -5.14 17.40 6.27
N HIS C 47 -5.74 16.27 6.61
CA HIS C 47 -6.14 15.25 5.63
C HIS C 47 -4.95 14.81 4.77
N THR C 48 -3.84 14.50 5.43
CA THR C 48 -2.62 14.08 4.75
C THR C 48 -2.14 12.74 5.31
N TYR C 49 -1.28 12.10 4.54
CA TYR C 49 -0.62 10.86 4.93
C TYR C 49 0.84 11.16 5.22
N ILE C 50 1.26 10.97 6.46
CA ILE C 50 2.60 11.36 6.92
C ILE C 50 3.31 10.11 7.44
N VAL C 51 4.52 9.88 6.94
CA VAL C 51 5.38 8.79 7.41
C VAL C 51 6.38 9.37 8.40
N THR C 52 6.43 8.79 9.59
CA THR C 52 7.38 9.24 10.61
C THR C 52 8.73 8.59 10.37
N PRO C 53 9.82 9.35 10.43
CA PRO C 53 11.16 8.75 10.23
C PRO C 53 11.48 7.76 11.33
N SER C 54 12.39 6.83 11.01
CA SER C 54 12.76 5.78 11.93
C SER C 54 13.56 6.36 13.10
N ARG C 55 14.00 5.46 14.00
CA ARG C 55 14.63 5.88 15.24
C ARG C 55 15.92 6.65 14.99
N ASP C 56 16.84 6.08 14.22
CA ASP C 56 18.16 6.66 14.01
C ASP C 56 18.41 7.01 12.54
N LYS C 57 17.35 7.28 11.78
CA LYS C 57 17.47 7.68 10.39
C LYS C 57 17.41 9.21 10.30
N GLU C 58 17.47 9.73 9.08
CA GLU C 58 17.43 11.17 8.88
C GLU C 58 16.10 11.73 9.38
N PRO C 59 16.12 12.84 10.14
CA PRO C 59 14.85 13.35 10.71
C PRO C 59 13.97 14.03 9.69
N VAL C 60 13.40 13.26 8.76
CA VAL C 60 12.59 13.80 7.67
C VAL C 60 11.22 13.14 7.70
N PHE C 61 10.17 13.97 7.75
CA PHE C 61 8.80 13.48 7.62
C PHE C 61 8.39 13.54 6.15
N GLU C 62 7.73 12.48 5.69
CA GLU C 62 7.24 12.42 4.32
C GLU C 62 5.73 12.62 4.35
N VAL C 63 5.27 13.73 3.79
CA VAL C 63 3.87 14.14 3.81
C VAL C 63 3.30 13.94 2.42
N THR C 64 2.18 13.22 2.35
CA THR C 64 1.53 12.90 1.08
C THR C 64 0.09 13.41 1.13
N GLY C 65 -0.33 14.03 0.04
CA GLY C 65 -1.68 14.55 -0.06
C GLY C 65 -1.75 15.64 -1.12
N MET C 66 -2.88 16.33 -1.12
CA MET C 66 -3.06 17.45 -2.02
C MET C 66 -2.03 18.54 -1.72
N PRO C 67 -1.59 19.29 -2.73
CA PRO C 67 -0.54 20.30 -2.49
C PRO C 67 -0.91 21.31 -1.41
N GLU C 68 -2.16 21.77 -1.39
CA GLU C 68 -2.58 22.69 -0.34
C GLU C 68 -2.60 22.00 1.02
N ASN C 69 -2.98 20.73 1.06
CA ASN C 69 -3.06 20.02 2.34
C ASN C 69 -1.68 19.70 2.90
N VAL C 70 -0.71 19.38 2.04
CA VAL C 70 0.63 19.09 2.54
C VAL C 70 1.27 20.36 3.10
N ASP C 71 1.00 21.51 2.48
CA ASP C 71 1.49 22.77 3.02
C ASP C 71 0.90 23.04 4.39
N ARG C 72 -0.37 22.69 4.60
CA ARG C 72 -0.97 22.81 5.92
C ARG C 72 -0.30 21.87 6.91
N ALA C 73 0.03 20.65 6.48
CA ALA C 73 0.71 19.71 7.35
C ALA C 73 2.13 20.17 7.64
N ARG C 74 2.81 20.74 6.64
CA ARG C 74 4.14 21.29 6.87
C ARG C 74 4.10 22.42 7.88
N GLU C 75 3.07 23.27 7.81
CA GLU C 75 2.94 24.37 8.75
C GLU C 75 2.72 23.87 10.18
N GLU C 76 1.85 22.87 10.35
CA GLU C 76 1.60 22.33 11.69
C GLU C 76 2.82 21.62 12.25
N ILE C 77 3.60 20.93 11.40
CA ILE C 77 4.81 20.27 11.87
C ILE C 77 5.82 21.29 12.35
N GLU C 78 6.06 22.31 11.54
CA GLU C 78 7.00 23.36 11.93
C GLU C 78 6.44 24.21 13.06
N MET C 79 5.12 24.20 13.26
CA MET C 79 4.54 24.92 14.39
C MET C 79 4.82 24.21 15.72
N HIS C 80 5.00 22.89 15.70
CA HIS C 80 5.41 22.18 16.90
C HIS C 80 6.90 22.26 17.13
N ILE C 81 7.64 22.89 16.23
CA ILE C 81 9.06 23.14 16.42
C ILE C 81 9.28 24.57 16.90
N ALA C 82 8.23 25.22 17.37
CA ALA C 82 8.28 26.59 17.84
C ALA C 82 7.19 26.80 18.90
S SO4 D . -13.42 -22.60 -5.12
O1 SO4 D . -14.45 -23.55 -4.71
O2 SO4 D . -13.73 -21.29 -4.58
O3 SO4 D . -13.36 -22.54 -6.57
O4 SO4 D . -12.13 -23.05 -4.60
S SO4 E . -1.21 1.75 -0.22
O1 SO4 E . -2.36 1.41 -1.06
O2 SO4 E . -1.68 2.14 1.11
O3 SO4 E . -0.32 0.59 -0.11
O4 SO4 E . -0.48 2.86 -0.83
S SO4 F . 20.06 21.78 17.79
O1 SO4 F . 18.74 21.15 17.74
O2 SO4 F . 20.08 22.78 18.83
O3 SO4 F . 21.07 20.76 18.07
O4 SO4 F . 20.34 22.40 16.49
S SO4 G . 21.53 13.26 7.19
O1 SO4 G . 21.18 11.86 7.40
O2 SO4 G . 21.42 13.98 8.46
O3 SO4 G . 22.91 13.35 6.71
O4 SO4 G . 20.64 13.86 6.21
#